data_1ERM
#
_entry.id   1ERM
#
_cell.length_a   63.03
_cell.length_b   89.06
_cell.length_c   42.16
_cell.angle_alpha   90.00
_cell.angle_beta   90.00
_cell.angle_gamma   90.00
#
_symmetry.space_group_name_H-M   'P 21 21 21'
#
loop_
_entity.id
_entity.type
_entity.pdbx_description
1 polymer 'TEM-1 BETA-LACTAMASE'
2 non-polymer '1(R)-1-ACETAMIDO-2-(3-CARBOXYPHENYL)ETHYL BORONIC ACID'
3 water water
#
_entity_poly.entity_id   1
_entity_poly.type   'polypeptide(L)'
_entity_poly.pdbx_seq_one_letter_code
;HPETLVKVKDAEDQLGARVGYIELDLNSGKILESFRPEERFPMMSTFKVLLCGAVLSRVDAGQEQLGRRIHYSQNDLVEY
SPVTEKHLTDGMTVRELCSAAITMSDNTAANLLLTTIGGPKELTAFLHNMGDHVTRLDRWEPELNEAIPNDERDTTMPAA
MATTLRKLLTGELLTLASRQQLIDWMEA(BHD)KVAGPLLRSALPAGWFIADKSGAGERGSRGIIAALGPDGKPSRIVVI
YTTGSQATMDERNRQIAEIGASLIKHW
;
_entity_poly.pdbx_strand_id   A
#
# COMPACT_ATOMS: atom_id res chain seq x y z
N HIS A 1 -4.48 -10.74 -18.81
CA HIS A 1 -5.38 -11.38 -19.79
C HIS A 1 -6.60 -10.50 -19.92
N PRO A 2 -7.07 -10.29 -21.14
CA PRO A 2 -8.21 -9.45 -21.39
C PRO A 2 -9.48 -9.89 -20.67
N GLU A 3 -9.63 -11.15 -20.33
CA GLU A 3 -10.80 -11.56 -19.56
C GLU A 3 -10.78 -10.85 -18.18
N THR A 4 -9.58 -10.54 -17.65
CA THR A 4 -9.53 -9.83 -16.37
C THR A 4 -10.01 -8.39 -16.56
N LEU A 5 -9.72 -7.83 -17.74
CA LEU A 5 -10.21 -6.49 -18.00
C LEU A 5 -11.73 -6.44 -18.08
N VAL A 6 -12.33 -7.54 -18.53
CA VAL A 6 -13.78 -7.61 -18.58
C VAL A 6 -14.30 -7.49 -17.14
N LYS A 7 -13.66 -8.18 -16.20
CA LYS A 7 -14.06 -8.08 -14.82
C LYS A 7 -13.85 -6.70 -14.25
N VAL A 8 -12.74 -6.06 -14.61
CA VAL A 8 -12.46 -4.72 -14.14
C VAL A 8 -13.54 -3.75 -14.64
N LYS A 9 -13.92 -3.87 -15.92
CA LYS A 9 -14.97 -2.98 -16.38
C LYS A 9 -16.30 -3.29 -15.66
N ASP A 10 -16.57 -4.57 -15.44
CA ASP A 10 -17.77 -5.01 -14.74
C ASP A 10 -17.76 -4.43 -13.32
N ALA A 11 -16.60 -4.41 -12.64
CA ALA A 11 -16.52 -3.81 -11.30
C ALA A 11 -16.85 -2.31 -11.36
N GLU A 12 -16.36 -1.59 -12.39
CA GLU A 12 -16.67 -0.17 -12.52
C GLU A 12 -18.18 -0.01 -12.68
N ASP A 13 -18.81 -0.93 -13.42
CA ASP A 13 -20.26 -0.87 -13.60
C ASP A 13 -20.97 -1.17 -12.31
N GLN A 14 -20.51 -2.15 -11.55
CA GLN A 14 -21.16 -2.51 -10.31
C GLN A 14 -20.97 -1.45 -9.28
N LEU A 15 -19.78 -0.85 -9.21
CA LEU A 15 -19.49 0.15 -8.19
C LEU A 15 -19.94 1.56 -8.52
N GLY A 16 -20.16 1.84 -9.80
CA GLY A 16 -20.54 3.17 -10.26
C GLY A 16 -19.35 4.09 -10.01
N ALA A 17 -18.13 3.57 -10.23
CA ALA A 17 -16.92 4.34 -9.96
C ALA A 17 -15.77 3.94 -10.86
N ARG A 18 -14.70 4.75 -10.86
CA ARG A 18 -13.46 4.45 -11.59
C ARG A 18 -12.65 3.37 -10.84
N VAL A 19 -12.07 2.46 -11.61
CA VAL A 19 -11.18 1.42 -11.07
C VAL A 19 -9.90 1.54 -11.87
N GLY A 20 -8.77 1.56 -11.20
CA GLY A 20 -7.48 1.66 -11.88
C GLY A 20 -6.79 0.34 -11.56
N TYR A 21 -6.19 -0.28 -12.56
CA TYR A 21 -5.61 -1.57 -12.32
C TYR A 21 -4.32 -1.74 -13.11
N ILE A 22 -3.38 -2.47 -12.56
CA ILE A 22 -2.19 -2.78 -13.31
C ILE A 22 -1.61 -4.12 -12.86
N GLU A 23 -1.06 -4.85 -13.82
CA GLU A 23 -0.42 -6.13 -13.52
C GLU A 23 0.96 -5.99 -14.13
N LEU A 24 1.97 -6.17 -13.30
CA LEU A 24 3.35 -5.94 -13.70
C LEU A 24 4.25 -7.11 -13.43
N ASP A 25 5.09 -7.45 -14.41
CA ASP A 25 6.02 -8.58 -14.22
C ASP A 25 7.13 -8.17 -13.24
N LEU A 26 7.30 -8.93 -12.17
CA LEU A 26 8.27 -8.53 -11.17
C LEU A 26 9.68 -8.46 -11.69
N ASN A 27 10.04 -9.54 -12.36
CA ASN A 27 11.36 -9.67 -12.89
C ASN A 27 11.77 -8.65 -13.96
N SER A 28 10.99 -8.49 -15.02
CA SER A 28 11.35 -7.62 -16.12
C SER A 28 10.75 -6.24 -16.05
N GLY A 29 9.70 -6.12 -15.26
CA GLY A 29 9.04 -4.87 -15.12
C GLY A 29 8.07 -4.58 -16.25
N LYS A 30 7.78 -5.56 -17.08
CA LYS A 30 6.87 -5.28 -18.17
C LYS A 30 5.43 -5.23 -17.72
N ILE A 31 4.67 -4.29 -18.31
CA ILE A 31 3.25 -4.17 -18.01
C ILE A 31 2.48 -5.27 -18.73
N LEU A 32 1.77 -6.06 -17.95
CA LEU A 32 1.05 -7.19 -18.48
C LEU A 32 -0.37 -6.88 -18.79
N GLU A 33 -0.95 -5.97 -18.06
CA GLU A 33 -2.34 -5.66 -18.28
C GLU A 33 -2.56 -4.39 -17.49
N SER A 34 -3.43 -3.51 -18.00
CA SER A 34 -3.71 -2.24 -17.34
C SER A 34 -5.07 -1.67 -17.68
N PHE A 35 -5.60 -0.89 -16.76
CA PHE A 35 -6.89 -0.23 -16.92
C PHE A 35 -6.74 1.10 -16.18
N ARG A 36 -6.87 2.22 -16.90
CA ARG A 36 -6.66 3.56 -16.34
C ARG A 36 -5.30 3.63 -15.60
N PRO A 37 -4.22 3.15 -16.23
CA PRO A 37 -2.91 3.12 -15.56
C PRO A 37 -2.30 4.46 -15.15
N GLU A 38 -2.68 5.52 -15.85
CA GLU A 38 -2.13 6.82 -15.59
C GLU A 38 -3.13 7.85 -15.11
N GLU A 39 -4.18 7.40 -14.46
CA GLU A 39 -5.11 8.33 -13.84
C GLU A 39 -4.71 8.35 -12.36
N ARG A 40 -4.91 9.47 -11.71
CA ARG A 40 -4.54 9.53 -10.31
C ARG A 40 -5.64 8.98 -9.39
N PHE A 41 -5.21 8.29 -8.34
CA PHE A 41 -6.11 7.80 -7.32
C PHE A 41 -5.49 8.10 -5.93
N PRO A 42 -6.32 8.29 -4.90
CA PRO A 42 -5.79 8.49 -3.56
C PRO A 42 -5.13 7.19 -3.10
N MET A 43 -3.93 7.30 -2.55
CA MET A 43 -3.22 6.14 -2.06
C MET A 43 -3.83 5.59 -0.80
N MET A 44 -4.39 6.43 0.05
CA MET A 44 -4.90 5.93 1.35
C MET A 44 -3.78 5.22 2.13
N SER A 45 -4.12 4.20 2.91
CA SER A 45 -3.12 3.50 3.71
C SER A 45 -2.11 2.69 2.93
N THR A 46 -2.23 2.58 1.62
CA THR A 46 -1.17 1.86 0.95
C THR A 46 0.14 2.64 1.02
N PHE A 47 0.12 3.95 1.35
CA PHE A 47 1.37 4.68 1.45
C PHE A 47 2.27 4.12 2.54
N LYS A 48 1.65 3.42 3.50
CA LYS A 48 2.42 2.91 4.66
C LYS A 48 3.62 2.07 4.32
N VAL A 49 3.53 1.39 3.16
CA VAL A 49 4.63 0.60 2.67
C VAL A 49 5.75 1.52 2.21
N LEU A 50 5.40 2.62 1.57
CA LEU A 50 6.43 3.52 1.08
C LEU A 50 7.15 4.14 2.28
N LEU A 51 6.37 4.52 3.29
CA LEU A 51 6.88 5.11 4.53
C LEU A 51 7.94 4.21 5.18
N CYS A 52 7.61 2.95 5.42
CA CYS A 52 8.57 2.03 6.02
C CYS A 52 9.77 1.77 5.13
N GLY A 53 9.58 2.00 3.84
CA GLY A 53 10.66 1.84 2.87
C GLY A 53 11.66 2.96 3.11
N ALA A 54 11.16 4.16 3.32
CA ALA A 54 11.99 5.31 3.60
C ALA A 54 12.67 5.13 4.98
N VAL A 55 11.93 4.57 5.91
CA VAL A 55 12.53 4.35 7.20
C VAL A 55 13.64 3.32 7.09
N LEU A 56 13.43 2.28 6.29
CA LEU A 56 14.48 1.29 6.15
C LEU A 56 15.69 1.88 5.46
N SER A 57 15.51 2.77 4.50
CA SER A 57 16.68 3.34 3.88
C SER A 57 17.53 4.13 4.89
N ARG A 58 16.90 4.77 5.85
CA ARG A 58 17.62 5.50 6.89
C ARG A 58 18.33 4.54 7.81
N VAL A 59 17.69 3.42 8.06
CA VAL A 59 18.33 2.43 8.89
C VAL A 59 19.61 1.93 8.17
N ASP A 60 19.53 1.71 6.85
CA ASP A 60 20.66 1.19 6.10
C ASP A 60 21.79 2.20 6.15
N ALA A 61 21.39 3.47 6.13
CA ALA A 61 22.33 4.58 6.12
C ALA A 61 22.93 4.96 7.46
N GLY A 62 22.53 4.27 8.53
CA GLY A 62 23.03 4.53 9.87
C GLY A 62 22.28 5.61 10.63
N GLN A 63 21.37 6.33 9.97
CA GLN A 63 20.61 7.41 10.61
C GLN A 63 19.40 7.01 11.44
N GLU A 64 19.10 5.72 11.49
CA GLU A 64 17.98 5.33 12.29
C GLU A 64 18.20 3.92 12.80
N GLN A 65 17.56 3.53 13.90
CA GLN A 65 17.72 2.17 14.41
C GLN A 65 16.37 1.49 14.51
N LEU A 66 16.22 0.27 14.04
CA LEU A 66 14.93 -0.37 14.17
C LEU A 66 14.57 -0.56 15.63
N GLY A 67 15.62 -0.68 16.45
CA GLY A 67 15.46 -0.92 17.85
C GLY A 67 15.21 0.37 18.61
N ARG A 68 15.33 1.51 17.98
CA ARG A 68 15.07 2.72 18.74
C ARG A 68 13.61 2.78 19.25
N ARG A 69 13.43 3.24 20.49
CA ARG A 69 12.12 3.36 21.10
C ARG A 69 11.55 4.78 21.06
N ILE A 70 10.28 4.87 20.68
CA ILE A 70 9.59 6.14 20.56
C ILE A 70 8.47 6.14 21.59
N HIS A 71 8.35 7.26 22.29
CA HIS A 71 7.30 7.43 23.29
C HIS A 71 6.38 8.51 22.74
N TYR A 72 5.10 8.38 23.00
CA TYR A 72 4.14 9.31 22.50
C TYR A 72 3.11 9.37 23.60
N SER A 73 2.06 10.13 23.43
CA SER A 73 1.07 10.17 24.50
C SER A 73 -0.34 10.14 23.92
N GLN A 74 -1.32 10.19 24.80
CA GLN A 74 -2.72 10.18 24.39
C GLN A 74 -3.07 11.22 23.32
N ASN A 75 -2.36 12.35 23.31
CA ASN A 75 -2.61 13.44 22.36
C ASN A 75 -2.24 13.10 20.92
N ASP A 76 -1.35 12.15 20.76
CA ASP A 76 -0.94 11.77 19.42
C ASP A 76 -1.90 10.78 18.78
N LEU A 77 -2.82 10.21 19.57
CA LEU A 77 -3.68 9.16 19.06
C LEU A 77 -4.76 9.61 18.12
N VAL A 78 -4.83 8.96 16.94
CA VAL A 78 -5.88 9.25 15.94
C VAL A 78 -6.79 8.02 15.73
N GLU A 79 -7.91 8.21 15.04
CA GLU A 79 -8.84 7.12 14.77
C GLU A 79 -8.07 6.00 14.06
N TYR A 80 -8.44 4.75 14.31
CA TYR A 80 -7.78 3.65 13.65
C TYR A 80 -6.34 3.43 14.14
N SER A 81 -6.21 3.25 15.45
CA SER A 81 -4.94 3.08 16.13
C SER A 81 -4.98 1.90 17.08
N PRO A 82 -5.40 0.76 16.54
CA PRO A 82 -5.52 -0.47 17.30
C PRO A 82 -4.31 -0.93 18.05
N VAL A 83 -3.14 -0.73 17.50
CA VAL A 83 -2.01 -1.23 18.22
C VAL A 83 -1.37 -0.18 19.13
N THR A 84 -1.24 1.03 18.58
CA THR A 84 -0.55 2.09 19.31
C THR A 84 -1.33 2.43 20.55
N GLU A 85 -2.63 2.30 20.44
CA GLU A 85 -3.39 2.68 21.62
C GLU A 85 -3.16 1.76 22.81
N LYS A 86 -2.65 0.56 22.56
CA LYS A 86 -2.43 -0.34 23.65
C LYS A 86 -1.04 -0.25 24.26
N HIS A 87 -0.17 0.60 23.71
CA HIS A 87 1.18 0.75 24.22
C HIS A 87 1.55 2.13 24.69
N LEU A 88 0.55 2.92 25.04
CA LEU A 88 0.74 4.28 25.52
C LEU A 88 1.84 4.38 26.56
N THR A 89 1.81 3.47 27.53
CA THR A 89 2.79 3.48 28.61
C THR A 89 4.26 3.25 28.30
N ASP A 90 4.58 2.21 27.56
CA ASP A 90 5.98 1.96 27.27
C ASP A 90 6.52 2.46 25.95
N GLY A 91 5.65 2.87 25.03
CA GLY A 91 6.14 3.33 23.75
C GLY A 91 6.35 2.09 22.88
N MET A 92 7.00 2.23 21.73
CA MET A 92 7.24 1.12 20.84
C MET A 92 8.45 1.42 20.02
N THR A 93 9.11 0.39 19.53
CA THR A 93 10.30 0.63 18.75
C THR A 93 9.92 0.91 17.32
N VAL A 94 10.86 1.46 16.56
CA VAL A 94 10.67 1.72 15.16
C VAL A 94 10.16 0.47 14.42
N ARG A 95 10.78 -0.65 14.73
CA ARG A 95 10.39 -1.87 14.11
C ARG A 95 8.93 -2.18 14.38
N GLU A 96 8.47 -2.07 15.63
CA GLU A 96 7.07 -2.37 15.91
C GLU A 96 6.11 -1.37 15.28
N LEU A 97 6.57 -0.14 15.08
CA LEU A 97 5.71 0.87 14.51
C LEU A 97 5.48 0.51 13.04
N CYS A 98 6.55 0.09 12.35
CA CYS A 98 6.39 -0.29 10.96
C CYS A 98 5.54 -1.52 10.87
N SER A 99 5.71 -2.46 11.81
CA SER A 99 4.91 -3.66 11.77
C SER A 99 3.44 -3.34 12.00
N ALA A 100 3.21 -2.38 12.87
CA ALA A 100 1.83 -1.99 13.11
C ALA A 100 1.20 -1.22 11.95
N ALA A 101 1.98 -0.33 11.35
CA ALA A 101 1.44 0.45 10.26
C ALA A 101 1.13 -0.45 9.07
N ILE A 102 1.98 -1.44 8.80
CA ILE A 102 1.81 -2.38 7.68
C ILE A 102 0.81 -3.52 7.88
N THR A 103 0.95 -4.29 8.95
CA THR A 103 0.08 -5.41 9.17
C THR A 103 -1.27 -5.04 9.72
N MET A 104 -1.42 -3.88 10.36
CA MET A 104 -2.71 -3.50 10.92
C MET A 104 -3.22 -2.17 10.49
N SER A 105 -2.52 -1.49 9.59
CA SER A 105 -2.94 -0.18 9.14
C SER A 105 -3.02 0.90 10.22
N ASP A 106 -2.40 0.66 11.36
CA ASP A 106 -2.42 1.62 12.49
C ASP A 106 -2.04 3.05 12.07
N ASN A 107 -2.98 4.01 12.23
CA ASN A 107 -2.76 5.41 11.81
C ASN A 107 -1.77 6.20 12.65
N THR A 108 -1.84 6.04 13.97
CA THR A 108 -0.91 6.74 14.84
C THR A 108 0.52 6.30 14.57
N ALA A 109 0.76 4.98 14.44
CA ALA A 109 2.08 4.46 14.10
C ALA A 109 2.66 5.14 12.86
N ALA A 110 1.83 5.37 11.86
CA ALA A 110 2.33 6.02 10.63
C ALA A 110 2.67 7.46 10.87
N ASN A 111 1.81 8.15 11.60
CA ASN A 111 2.08 9.58 11.93
C ASN A 111 3.45 9.71 12.67
N LEU A 112 3.70 8.83 13.62
CA LEU A 112 4.92 8.91 14.40
C LEU A 112 6.12 8.69 13.52
N LEU A 113 6.02 7.70 12.65
CA LEU A 113 7.11 7.45 11.76
C LEU A 113 7.24 8.62 10.81
N LEU A 114 6.13 9.19 10.34
CA LEU A 114 6.23 10.31 9.39
C LEU A 114 7.03 11.40 10.03
N THR A 115 6.76 11.62 11.31
CA THR A 115 7.50 12.65 12.03
C THR A 115 9.00 12.39 12.03
N THR A 116 9.40 11.19 12.40
CA THR A 116 10.80 10.85 12.43
C THR A 116 11.56 11.04 11.15
N ILE A 117 10.89 10.95 10.00
CA ILE A 117 11.61 11.10 8.75
C ILE A 117 11.53 12.49 8.21
N GLY A 118 10.73 13.35 8.85
CA GLY A 118 10.60 14.72 8.38
C GLY A 118 9.31 15.06 7.68
N GLY A 119 8.31 14.20 7.80
CA GLY A 119 7.00 14.51 7.26
C GLY A 119 6.73 14.18 5.80
N PRO A 120 5.52 14.49 5.33
CA PRO A 120 5.12 14.19 3.95
C PRO A 120 6.09 14.69 2.89
N LYS A 121 6.60 15.90 3.11
CA LYS A 121 7.50 16.50 2.14
C LYS A 121 8.76 15.66 1.93
N GLU A 122 9.26 15.05 2.99
CA GLU A 122 10.43 14.19 2.87
C GLU A 122 10.11 12.81 2.28
N LEU A 123 8.94 12.27 2.59
CA LEU A 123 8.57 11.00 2.01
C LEU A 123 8.47 11.29 0.50
N THR A 124 7.80 12.40 0.14
CA THR A 124 7.70 12.80 -1.25
C THR A 124 9.09 12.98 -1.92
N ALA A 125 10.04 13.60 -1.22
CA ALA A 125 11.38 13.74 -1.78
C ALA A 125 12.11 12.41 -1.94
N PHE A 126 11.86 11.47 -1.05
CA PHE A 126 12.48 10.17 -1.16
C PHE A 126 11.97 9.47 -2.43
N LEU A 127 10.68 9.59 -2.70
CA LEU A 127 10.11 8.96 -3.91
C LEU A 127 10.64 9.58 -5.18
N HIS A 128 10.71 10.89 -5.17
CA HIS A 128 11.25 11.63 -6.28
C HIS A 128 12.66 11.16 -6.65
N ASN A 129 13.47 10.96 -5.64
CA ASN A 129 14.84 10.53 -5.81
C ASN A 129 15.01 9.13 -6.31
N MET A 130 13.96 8.31 -6.16
CA MET A 130 13.98 6.95 -6.69
C MET A 130 13.28 6.84 -8.08
N GLY A 131 12.98 8.00 -8.66
CA GLY A 131 12.43 8.04 -9.99
C GLY A 131 10.92 8.13 -10.04
N ASP A 132 10.27 8.27 -8.89
CA ASP A 132 8.84 8.39 -8.93
C ASP A 132 8.51 9.85 -8.84
N HIS A 133 8.14 10.42 -9.98
CA HIS A 133 7.83 11.83 -10.01
C HIS A 133 6.34 12.05 -10.00
N VAL A 134 5.56 11.04 -9.62
CA VAL A 134 4.10 11.19 -9.66
C VAL A 134 3.45 11.11 -8.28
N THR A 135 3.82 10.07 -7.57
CA THR A 135 3.24 9.78 -6.24
C THR A 135 3.65 10.91 -5.28
N ARG A 136 2.70 11.45 -4.51
CA ARG A 136 3.05 12.54 -3.61
C ARG A 136 2.23 12.36 -2.35
N LEU A 137 2.88 12.59 -1.19
CA LEU A 137 2.23 12.56 0.12
C LEU A 137 2.24 14.01 0.55
N ASP A 138 1.08 14.54 0.93
CA ASP A 138 0.93 15.93 1.33
C ASP A 138 0.42 16.14 2.76
N ARG A 139 -0.37 15.19 3.29
CA ARG A 139 -0.96 15.32 4.61
C ARG A 139 -0.65 14.15 5.49
N TRP A 140 -1.16 14.19 6.72
CA TRP A 140 -0.94 13.10 7.66
C TRP A 140 -2.24 12.35 7.80
N GLU A 141 -2.22 11.32 8.64
CA GLU A 141 -3.41 10.53 8.91
C GLU A 141 -4.23 11.22 10.02
N PRO A 142 -5.54 11.27 9.84
CA PRO A 142 -6.26 10.66 8.72
C PRO A 142 -6.72 11.59 7.59
N GLU A 143 -6.32 12.85 7.61
CA GLU A 143 -6.78 13.74 6.57
C GLU A 143 -6.43 13.34 5.14
N LEU A 144 -5.37 12.54 4.97
CA LEU A 144 -4.93 12.17 3.63
C LEU A 144 -5.93 11.28 2.91
N ASN A 145 -6.94 10.79 3.64
CA ASN A 145 -7.98 9.92 3.05
C ASN A 145 -9.23 10.67 2.51
N GLU A 146 -9.16 12.00 2.49
CA GLU A 146 -10.28 12.81 2.09
C GLU A 146 -10.82 12.48 0.73
N ALA A 147 -9.95 12.19 -0.22
CA ALA A 147 -10.39 11.80 -1.56
C ALA A 147 -11.30 12.79 -2.30
N ILE A 148 -11.01 14.08 -2.15
CA ILE A 148 -11.73 15.12 -2.84
C ILE A 148 -11.56 14.93 -4.36
N PRO A 149 -12.66 14.85 -5.12
CA PRO A 149 -12.51 14.60 -6.55
C PRO A 149 -11.58 15.59 -7.21
N ASN A 150 -10.67 15.08 -8.04
CA ASN A 150 -9.72 15.92 -8.79
C ASN A 150 -8.58 16.50 -7.99
N ASP A 151 -8.56 16.21 -6.71
CA ASP A 151 -7.48 16.72 -5.89
C ASP A 151 -6.25 15.83 -6.15
N GLU A 152 -5.08 16.45 -6.30
CA GLU A 152 -3.83 15.70 -6.53
C GLU A 152 -3.12 15.30 -5.26
N ARG A 153 -3.49 15.93 -4.16
CA ARG A 153 -2.78 15.64 -2.91
C ARG A 153 -2.95 14.17 -2.56
N ASP A 154 -1.86 13.59 -2.03
CA ASP A 154 -1.88 12.23 -1.51
C ASP A 154 -2.33 11.21 -2.56
N THR A 155 -1.93 11.41 -3.83
CA THR A 155 -2.34 10.48 -4.85
C THR A 155 -1.17 9.83 -5.54
N THR A 156 -1.46 8.76 -6.28
CA THR A 156 -0.47 8.08 -7.05
C THR A 156 -1.22 7.63 -8.29
N MET A 157 -0.53 7.00 -9.24
CA MET A 157 -1.13 6.43 -10.44
C MET A 157 -0.86 4.93 -10.35
N PRO A 158 -1.74 4.05 -10.84
CA PRO A 158 -1.45 2.62 -10.77
C PRO A 158 -0.06 2.25 -11.31
N ALA A 159 0.32 2.82 -12.47
CA ALA A 159 1.64 2.50 -12.99
C ALA A 159 2.78 3.02 -12.14
N ALA A 160 2.62 4.20 -11.56
CA ALA A 160 3.67 4.76 -10.69
C ALA A 160 3.88 3.92 -9.45
N MET A 161 2.79 3.58 -8.78
CA MET A 161 2.90 2.79 -7.58
C MET A 161 3.43 1.39 -7.87
N ALA A 162 3.05 0.79 -9.00
CA ALA A 162 3.55 -0.57 -9.31
C ALA A 162 5.04 -0.56 -9.52
N THR A 163 5.53 0.43 -10.28
CA THR A 163 6.94 0.50 -10.61
C THR A 163 7.79 0.87 -9.39
N THR A 164 7.23 1.72 -8.53
CA THR A 164 7.92 2.09 -7.30
C THR A 164 8.02 0.90 -6.38
N LEU A 165 6.95 0.13 -6.26
CA LEU A 165 6.98 -1.05 -5.40
C LEU A 165 7.96 -2.07 -5.93
N ARG A 166 8.00 -2.22 -7.26
CA ARG A 166 8.99 -3.13 -7.82
C ARG A 166 10.43 -2.75 -7.46
N LYS A 167 10.74 -1.45 -7.55
CA LYS A 167 12.08 -0.97 -7.24
C LYS A 167 12.40 -1.20 -5.77
N LEU A 168 11.40 -0.99 -4.92
CA LEU A 168 11.63 -1.18 -3.49
C LEU A 168 11.90 -2.63 -3.11
N LEU A 169 11.16 -3.52 -3.74
CA LEU A 169 11.28 -4.92 -3.45
C LEU A 169 12.42 -5.63 -4.18
N THR A 170 12.91 -5.09 -5.28
CA THR A 170 13.95 -5.76 -6.03
C THR A 170 15.17 -4.88 -6.44
N GLY A 171 15.09 -3.56 -6.27
CA GLY A 171 16.18 -2.67 -6.66
C GLY A 171 17.36 -2.67 -5.70
N GLU A 172 18.40 -1.90 -6.04
CA GLU A 172 19.60 -1.83 -5.21
C GLU A 172 19.41 -0.78 -4.12
N LEU A 173 18.24 -0.18 -4.14
CA LEU A 173 17.89 0.86 -3.21
C LEU A 173 18.01 0.45 -1.75
N LEU A 174 17.48 -0.69 -1.37
CA LEU A 174 17.58 -1.15 0.01
C LEU A 174 18.54 -2.30 0.00
N THR A 175 19.16 -2.56 1.16
CA THR A 175 20.05 -3.70 1.27
C THR A 175 19.14 -4.93 1.24
N LEU A 176 19.70 -6.10 0.94
CA LEU A 176 18.93 -7.35 0.92
C LEU A 176 18.17 -7.54 2.21
N ALA A 177 18.89 -7.34 3.31
CA ALA A 177 18.26 -7.50 4.60
C ALA A 177 17.03 -6.60 4.80
N SER A 178 17.11 -5.33 4.36
CA SER A 178 15.96 -4.46 4.53
C SER A 178 14.85 -4.84 3.55
N ARG A 179 15.23 -5.22 2.35
CA ARG A 179 14.17 -5.56 1.40
C ARG A 179 13.36 -6.67 2.05
N GLN A 180 14.06 -7.66 2.60
CA GLN A 180 13.36 -8.80 3.19
C GLN A 180 12.48 -8.40 4.35
N GLN A 181 12.96 -7.49 5.16
CA GLN A 181 12.19 -7.07 6.31
C GLN A 181 10.87 -6.43 5.80
N LEU A 182 10.98 -5.68 4.70
CA LEU A 182 9.81 -5.01 4.13
C LEU A 182 8.79 -6.03 3.63
N ILE A 183 9.29 -7.01 2.89
CA ILE A 183 8.45 -8.07 2.37
C ILE A 183 7.86 -8.86 3.53
N ASP A 184 8.66 -9.11 4.57
CA ASP A 184 8.15 -9.81 5.74
C ASP A 184 6.96 -9.10 6.39
N TRP A 185 7.00 -7.77 6.47
CA TRP A 185 5.89 -7.01 7.06
C TRP A 185 4.60 -7.11 6.22
N MET A 186 4.77 -7.03 4.89
CA MET A 186 3.63 -7.08 3.97
C MET A 186 3.02 -8.47 3.92
N GLU A 187 3.88 -9.47 4.00
CA GLU A 187 3.34 -10.80 3.96
C GLU A 187 2.52 -11.09 5.20
N ALA A 188 2.82 -10.42 6.31
CA ALA A 188 2.09 -10.67 7.54
C ALA A 188 0.86 -9.82 7.67
N LYS A 190 -2.63 -8.41 8.27
CA LYS A 190 -3.78 -8.97 8.99
C LYS A 190 -5.15 -8.33 8.76
N VAL A 191 -5.22 -7.28 7.94
CA VAL A 191 -6.50 -6.62 7.69
C VAL A 191 -7.00 -6.77 6.25
N ALA A 192 -6.22 -7.41 5.38
CA ALA A 192 -6.62 -7.54 3.96
C ALA A 192 -7.27 -8.88 3.57
N GLY A 193 -7.77 -9.62 4.55
CA GLY A 193 -8.35 -10.96 4.36
C GLY A 193 -9.43 -11.04 3.27
N PRO A 194 -10.42 -10.17 3.29
CA PRO A 194 -11.47 -10.27 2.27
C PRO A 194 -11.14 -9.70 0.89
N LEU A 195 -9.87 -9.32 0.64
CA LEU A 195 -9.50 -8.77 -0.66
C LEU A 195 -8.82 -9.82 -1.54
N LEU A 196 -7.62 -9.55 -1.98
CA LEU A 196 -6.95 -10.53 -2.79
C LEU A 196 -6.78 -11.86 -2.08
N ARG A 197 -6.47 -11.82 -0.79
CA ARG A 197 -6.17 -13.03 -0.04
C ARG A 197 -7.28 -14.06 -0.16
N SER A 198 -8.51 -13.60 -0.34
CA SER A 198 -9.63 -14.55 -0.44
C SER A 198 -9.76 -15.31 -1.79
N ALA A 199 -8.97 -14.90 -2.77
CA ALA A 199 -8.96 -15.53 -4.08
C ALA A 199 -7.69 -16.32 -4.28
N LEU A 200 -6.76 -16.22 -3.34
CA LEU A 200 -5.46 -16.87 -3.50
C LEU A 200 -5.46 -18.39 -3.32
N PRO A 201 -4.89 -19.15 -4.27
CA PRO A 201 -4.87 -20.58 -4.11
C PRO A 201 -3.84 -20.96 -3.06
N ALA A 202 -4.04 -22.14 -2.49
CA ALA A 202 -3.13 -22.69 -1.50
C ALA A 202 -1.74 -22.81 -2.10
N GLY A 203 -0.76 -22.44 -1.31
CA GLY A 203 0.63 -22.53 -1.71
C GLY A 203 1.17 -21.30 -2.39
N TRP A 204 0.31 -20.32 -2.67
CA TRP A 204 0.81 -19.12 -3.34
C TRP A 204 1.45 -18.17 -2.33
N PHE A 205 2.28 -17.28 -2.82
CA PHE A 205 2.88 -16.30 -1.96
C PHE A 205 2.07 -14.99 -2.11
N ILE A 206 1.86 -14.23 -1.02
CA ILE A 206 1.26 -12.91 -1.12
C ILE A 206 1.88 -11.95 -0.10
N ALA A 207 2.22 -10.74 -0.55
CA ALA A 207 2.72 -9.71 0.35
C ALA A 207 1.93 -8.51 -0.12
N ASP A 208 1.10 -7.99 0.74
CA ASP A 208 0.22 -6.92 0.30
C ASP A 208 0.03 -5.79 1.31
N LYS A 209 -0.73 -4.77 0.89
CA LYS A 209 -1.07 -3.63 1.71
C LYS A 209 -2.35 -3.00 1.13
N SER A 210 -3.39 -2.91 1.94
CA SER A 210 -4.66 -2.32 1.58
C SER A 210 -4.83 -0.89 2.10
N GLY A 211 -5.96 -0.29 1.78
CA GLY A 211 -6.30 1.01 2.31
C GLY A 211 -7.77 1.25 2.05
N ALA A 212 -8.37 2.18 2.79
CA ALA A 212 -9.76 2.59 2.59
C ALA A 212 -9.75 4.08 2.90
N GLY A 213 -10.72 4.82 2.36
CA GLY A 213 -10.77 6.27 2.59
C GLY A 213 -12.16 6.78 2.32
N GLU A 214 -12.33 8.10 2.23
CA GLU A 214 -13.66 8.62 1.98
C GLU A 214 -14.12 8.46 0.54
N ARG A 215 -15.37 8.79 0.29
CA ARG A 215 -15.89 8.74 -1.07
C ARG A 215 -15.72 7.39 -1.75
N GLY A 216 -15.93 6.31 -1.01
CA GLY A 216 -15.85 4.94 -1.51
C GLY A 216 -14.45 4.50 -1.93
N SER A 217 -13.42 5.18 -1.46
CA SER A 217 -12.07 4.79 -1.83
C SER A 217 -11.64 3.51 -1.15
N ARG A 218 -10.97 2.69 -1.93
CA ARG A 218 -10.48 1.40 -1.45
C ARG A 218 -9.35 1.03 -2.39
N GLY A 219 -8.35 0.30 -1.91
CA GLY A 219 -7.30 -0.08 -2.82
C GLY A 219 -6.41 -1.10 -2.20
N ILE A 220 -5.56 -1.70 -3.03
CA ILE A 220 -4.64 -2.72 -2.60
C ILE A 220 -3.46 -2.79 -3.53
N ILE A 221 -2.28 -2.99 -2.96
CA ILE A 221 -1.04 -3.22 -3.71
C ILE A 221 -0.50 -4.58 -3.25
N ALA A 222 0.02 -5.40 -4.16
CA ALA A 222 0.49 -6.71 -3.76
C ALA A 222 1.55 -7.30 -4.63
N ALA A 223 2.40 -8.14 -4.08
CA ALA A 223 3.37 -8.86 -4.92
C ALA A 223 2.89 -10.27 -4.68
N LEU A 224 2.69 -11.10 -5.71
CA LEU A 224 2.18 -12.45 -5.42
C LEU A 224 2.67 -13.39 -6.48
N GLY A 225 2.54 -14.68 -6.23
CA GLY A 225 2.95 -15.64 -7.24
C GLY A 225 2.79 -17.06 -6.73
N PRO A 226 2.80 -18.02 -7.65
CA PRO A 226 2.65 -19.42 -7.27
C PRO A 226 3.88 -19.97 -6.62
N ASP A 227 3.69 -21.13 -5.99
CA ASP A 227 4.77 -21.89 -5.37
C ASP A 227 5.58 -21.15 -4.33
N GLY A 228 4.94 -20.25 -3.57
CA GLY A 228 5.66 -19.55 -2.53
C GLY A 228 6.65 -18.47 -2.97
N LYS A 229 6.52 -17.87 -4.13
CA LYS A 229 7.42 -16.77 -4.43
C LYS A 229 6.66 -15.80 -5.29
N PRO A 230 6.95 -14.50 -5.19
CA PRO A 230 6.22 -13.56 -6.01
C PRO A 230 6.80 -13.44 -7.39
N SER A 231 5.94 -13.17 -8.34
CA SER A 231 6.43 -12.99 -9.68
C SER A 231 5.65 -11.89 -10.39
N ARG A 232 4.64 -11.34 -9.74
CA ARG A 232 3.93 -10.23 -10.34
C ARG A 232 3.54 -9.25 -9.28
N ILE A 233 3.35 -8.04 -9.73
CA ILE A 233 2.88 -6.96 -8.90
C ILE A 233 1.50 -6.58 -9.47
N VAL A 234 0.51 -6.45 -8.59
CA VAL A 234 -0.86 -6.03 -8.93
C VAL A 234 -1.22 -4.82 -8.05
N VAL A 235 -1.78 -3.79 -8.65
CA VAL A 235 -2.20 -2.60 -7.93
C VAL A 235 -3.62 -2.33 -8.36
N ILE A 236 -4.50 -2.12 -7.40
CA ILE A 236 -5.88 -1.86 -7.75
C ILE A 236 -6.42 -0.75 -6.85
N TYR A 237 -6.95 0.31 -7.46
CA TYR A 237 -7.51 1.41 -6.71
C TYR A 237 -8.90 1.71 -7.24
N THR A 238 -9.74 2.26 -6.39
CA THR A 238 -11.05 2.71 -6.80
C THR A 238 -11.44 3.86 -5.89
N THR A 239 -12.25 4.76 -6.43
CA THR A 239 -12.70 5.91 -5.65
C THR A 239 -13.99 6.45 -6.28
N GLY A 240 -14.82 7.09 -5.47
CA GLY A 240 -16.05 7.63 -5.99
C GLY A 240 -17.31 6.82 -5.76
N SER A 241 -17.17 5.56 -5.38
CA SER A 241 -18.34 4.75 -5.17
C SER A 241 -19.15 5.09 -3.95
N GLN A 242 -20.46 4.86 -4.06
CA GLN A 242 -21.37 5.03 -2.92
C GLN A 242 -21.67 3.66 -2.33
N ALA A 243 -21.03 2.61 -2.86
CA ALA A 243 -21.24 1.26 -2.37
C ALA A 243 -20.63 1.06 -1.00
N THR A 244 -21.13 0.04 -0.31
CA THR A 244 -20.67 -0.31 1.00
C THR A 244 -19.29 -0.95 0.95
N MET A 245 -18.62 -0.91 2.09
CA MET A 245 -17.34 -1.54 2.19
C MET A 245 -17.42 -2.99 1.71
N ASP A 246 -18.46 -3.74 2.09
CA ASP A 246 -18.53 -5.14 1.67
C ASP A 246 -18.57 -5.29 0.15
N GLU A 247 -19.32 -4.44 -0.52
CA GLU A 247 -19.42 -4.50 -1.98
C GLU A 247 -18.08 -4.14 -2.61
N ARG A 248 -17.39 -3.17 -2.02
CA ARG A 248 -16.09 -2.81 -2.56
C ARG A 248 -15.11 -3.95 -2.38
N ASN A 249 -15.11 -4.60 -1.21
CA ASN A 249 -14.21 -5.74 -0.96
C ASN A 249 -14.47 -6.85 -1.98
N ARG A 250 -15.74 -7.11 -2.23
CA ARG A 250 -16.16 -8.17 -3.14
C ARG A 250 -15.67 -7.99 -4.55
N GLN A 251 -15.79 -6.78 -5.08
CA GLN A 251 -15.40 -6.60 -6.45
C GLN A 251 -13.89 -6.77 -6.54
N ILE A 252 -13.18 -6.23 -5.54
CA ILE A 252 -11.75 -6.41 -5.59
C ILE A 252 -11.40 -7.88 -5.56
N ALA A 253 -12.06 -8.66 -4.72
CA ALA A 253 -11.76 -10.07 -4.68
C ALA A 253 -12.16 -10.81 -5.97
N GLU A 254 -13.19 -10.33 -6.66
CA GLU A 254 -13.61 -10.96 -7.90
C GLU A 254 -12.57 -10.61 -9.00
N ILE A 255 -12.00 -9.40 -8.92
CA ILE A 255 -10.91 -9.07 -9.82
C ILE A 255 -9.74 -10.01 -9.57
N GLY A 256 -9.41 -10.28 -8.31
CA GLY A 256 -8.32 -11.20 -8.00
C GLY A 256 -8.60 -12.61 -8.49
N ALA A 257 -9.81 -13.12 -8.27
CA ALA A 257 -10.22 -14.44 -8.75
C ALA A 257 -9.96 -14.55 -10.27
N SER A 258 -10.27 -13.50 -11.02
CA SER A 258 -10.05 -13.47 -12.46
C SER A 258 -8.58 -13.46 -12.84
N LEU A 259 -7.80 -12.66 -12.13
CA LEU A 259 -6.39 -12.60 -12.38
C LEU A 259 -5.74 -13.99 -12.12
N ILE A 260 -6.16 -14.63 -11.05
CA ILE A 260 -5.61 -15.91 -10.69
C ILE A 260 -6.04 -16.96 -11.72
N LYS A 261 -7.31 -16.97 -12.06
CA LYS A 261 -7.79 -17.97 -13.02
C LYS A 261 -7.01 -17.91 -14.32
N HIS A 262 -6.63 -16.71 -14.76
CA HIS A 262 -5.91 -16.52 -16.01
C HIS A 262 -4.45 -16.31 -15.88
N TRP A 263 -3.86 -16.75 -14.77
CA TRP A 263 -2.45 -16.56 -14.52
C TRP A 263 -1.58 -16.99 -15.72
#